data_7HTY
#
_entry.id   7HTY
#
_cell.length_a   98.690
_cell.length_b   98.770
_cell.length_c   128.470
_cell.angle_alpha   90.00
_cell.angle_beta   90.00
_cell.angle_gamma   90.00
#
_symmetry.space_group_name_H-M   'I 2 2 2'
#
loop_
_entity.id
_entity.type
_entity.pdbx_description
1 polymer 'Oleoyl-acyl carrier protein thioesterase 1, chloroplastic'
2 non-polymer (4S)-2-tert-butylimidazo[1,2-a]pyrimidine
3 water water
#
_entity_poly.entity_id   1
_entity_poly.type   'polypeptide(L)'
_entity_poly.pdbx_seq_one_letter_code
;MGSLTEDGLSYKEKFVVRSYEVGSNKTATVETIANLLQEVGCNHAQSVGFSTDGFATTTTMRKLHLIWVTARMHIEIYKY
PAWGDVVEIETWCQSEGRIGTRRDWILKDSVTGEVTGRATSKWVMMNQDTRRLQKVSDDVRDEYLVFCPQEPRLAFPEEN
NRSLKKIPKLEDPAQYSMIGLKPRRADLDMNQHVNNVTYIGWVLESIPQEIVDTHELQVITLDYRRECQQDDVVDSLTTT
TSEIGGTNGSATSGTQGHNDSQFLHLLRLSGDGQEINRGTTLWRKKPSSHHHHHH
;
_entity_poly.pdbx_strand_id   A,B
#
loop_
_chem_comp.id
_chem_comp.type
_chem_comp.name
_chem_comp.formula
A1BM2 non-polymer (4S)-2-tert-butylimidazo[1,2-a]pyrimidine 'C10 H13 N3'
#
# COMPACT_ATOMS: atom_id res chain seq x y z
N GLY A 2 -5.05 19.15 5.43
CA GLY A 2 -4.68 18.82 6.80
C GLY A 2 -4.37 20.04 7.64
N SER A 3 -4.95 20.12 8.84
CA SER A 3 -4.73 21.27 9.72
C SER A 3 -5.18 21.01 11.15
N LEU A 4 -4.58 21.71 12.12
CA LEU A 4 -4.94 21.65 13.53
C LEU A 4 -6.24 22.41 13.74
N THR A 5 -7.06 21.99 14.71
CA THR A 5 -8.26 22.74 15.06
C THR A 5 -7.90 24.08 15.75
N GLU A 6 -8.88 24.97 15.97
CA GLU A 6 -8.63 26.29 16.56
C GLU A 6 -7.81 26.28 17.86
N ASP A 7 -8.03 25.29 18.74
CA ASP A 7 -7.30 25.20 19.99
C ASP A 7 -5.88 24.59 19.88
N GLY A 8 -5.54 24.01 18.73
CA GLY A 8 -4.25 23.36 18.53
C GLY A 8 -4.12 22.08 19.34
N LEU A 9 -5.26 21.49 19.75
CA LEU A 9 -5.26 20.28 20.56
C LEU A 9 -5.73 19.02 19.82
N SER A 10 -6.12 19.15 18.54
CA SER A 10 -6.47 18.03 17.67
C SER A 10 -6.14 18.39 16.20
N TYR A 11 -6.20 17.40 15.30
CA TYR A 11 -5.82 17.61 13.90
C TYR A 11 -6.83 16.95 12.97
N LYS A 12 -7.13 17.60 11.83
CA LYS A 12 -8.04 17.03 10.86
C LYS A 12 -7.41 16.91 9.47
N GLU A 13 -7.80 15.87 8.73
CA GLU A 13 -7.35 15.70 7.36
C GLU A 13 -8.39 14.95 6.53
N LYS A 14 -8.51 15.31 5.24
CA LYS A 14 -9.44 14.70 4.32
C LYS A 14 -8.67 13.80 3.35
N PHE A 15 -9.22 12.62 3.03
CA PHE A 15 -8.56 11.68 2.12
C PHE A 15 -9.55 11.16 1.08
N VAL A 16 -9.16 11.19 -0.21
CA VAL A 16 -9.99 10.61 -1.26
C VAL A 16 -9.60 9.14 -1.31
N VAL A 17 -10.57 8.21 -1.32
CA VAL A 17 -10.24 6.78 -1.34
C VAL A 17 -9.73 6.37 -2.75
N ARG A 18 -8.54 5.76 -2.82
CA ARG A 18 -7.88 5.39 -4.08
C ARG A 18 -8.27 4.03 -4.61
N SER A 19 -8.16 3.84 -5.94
CA SER A 19 -8.52 2.62 -6.65
C SER A 19 -7.92 1.36 -6.06
N TYR A 20 -6.60 1.38 -5.74
CA TYR A 20 -5.89 0.23 -5.17
C TYR A 20 -6.07 0.05 -3.65
N GLU A 21 -6.82 0.92 -3.01
CA GLU A 21 -7.03 0.85 -1.57
C GLU A 21 -8.31 0.07 -1.18
N VAL A 22 -9.13 -0.33 -2.19
CA VAL A 22 -10.40 -1.01 -1.95
C VAL A 22 -10.37 -2.51 -2.25
N GLY A 23 -11.30 -3.25 -1.64
CA GLY A 23 -11.47 -4.69 -1.84
C GLY A 23 -12.56 -5.02 -2.86
N SER A 24 -13.12 -6.22 -2.76
N SER A 24 -13.12 -6.23 -2.78
N SER A 24 -13.12 -6.22 -2.76
CA SER A 24 -14.17 -6.73 -3.65
CA SER A 24 -14.16 -6.70 -3.70
CA SER A 24 -14.17 -6.73 -3.65
C SER A 24 -15.44 -5.87 -3.68
C SER A 24 -15.44 -5.87 -3.69
C SER A 24 -15.44 -5.87 -3.68
N ASN A 25 -15.87 -5.36 -2.52
CA ASN A 25 -17.07 -4.51 -2.43
C ASN A 25 -16.88 -3.08 -2.97
N LYS A 26 -15.66 -2.72 -3.40
CA LYS A 26 -15.30 -1.38 -3.85
C LYS A 26 -15.28 -0.37 -2.68
N THR A 27 -15.05 -0.85 -1.45
CA THR A 27 -14.88 0.01 -0.28
C THR A 27 -13.50 -0.22 0.33
N ALA A 28 -12.95 0.81 1.00
CA ALA A 28 -11.63 0.77 1.61
C ALA A 28 -11.42 -0.44 2.50
N THR A 29 -10.24 -1.06 2.46
CA THR A 29 -9.95 -2.20 3.30
C THR A 29 -9.60 -1.71 4.71
N VAL A 30 -9.62 -2.59 5.71
CA VAL A 30 -9.28 -2.19 7.08
C VAL A 30 -7.78 -1.80 7.22
N GLU A 31 -6.93 -2.25 6.28
CA GLU A 31 -5.53 -1.86 6.27
C GLU A 31 -5.36 -0.49 5.66
N THR A 32 -6.24 -0.10 4.71
CA THR A 32 -6.22 1.24 4.14
C THR A 32 -6.59 2.24 5.23
N ILE A 33 -7.64 1.93 6.02
CA ILE A 33 -8.07 2.77 7.13
C ILE A 33 -6.94 2.90 8.13
N ALA A 34 -6.33 1.77 8.54
CA ALA A 34 -5.21 1.71 9.48
C ALA A 34 -4.05 2.59 9.05
N ASN A 35 -3.76 2.63 7.73
CA ASN A 35 -2.71 3.42 7.10
C ASN A 35 -3.06 4.89 7.16
N LEU A 36 -4.32 5.25 6.91
CA LEU A 36 -4.78 6.62 6.97
C LEU A 36 -4.72 7.15 8.40
N LEU A 37 -5.01 6.30 9.41
CA LEU A 37 -4.94 6.68 10.82
C LEU A 37 -3.52 7.03 11.21
N GLN A 38 -2.53 6.24 10.74
CA GLN A 38 -1.14 6.52 11.09
C GLN A 38 -0.60 7.73 10.33
N GLU A 39 -1.07 7.97 9.09
CA GLU A 39 -0.65 9.11 8.29
C GLU A 39 -1.13 10.42 8.91
N VAL A 40 -2.40 10.48 9.33
CA VAL A 40 -2.93 11.65 9.99
C VAL A 40 -2.25 11.86 11.38
N GLY A 41 -1.86 10.76 12.03
CA GLY A 41 -1.11 10.84 13.28
C GLY A 41 0.26 11.44 13.09
N CYS A 42 0.98 11.06 12.01
CA CYS A 42 2.29 11.61 11.70
C CYS A 42 2.17 13.08 11.36
N ASN A 43 1.17 13.45 10.56
CA ASN A 43 0.92 14.83 10.16
C ASN A 43 0.58 15.72 11.36
N HIS A 44 -0.19 15.20 12.33
CA HIS A 44 -0.50 15.94 13.55
C HIS A 44 0.80 16.24 14.31
N ALA A 45 1.68 15.23 14.49
CA ALA A 45 2.97 15.41 15.17
C ALA A 45 3.91 16.37 14.42
N GLN A 46 3.89 16.34 13.09
CA GLN A 46 4.73 17.21 12.28
C GLN A 46 4.23 18.66 12.39
N SER A 47 2.90 18.85 12.39
N SER A 47 2.91 18.86 12.39
N SER A 47 2.90 18.85 12.39
CA SER A 47 2.29 20.19 12.50
CA SER A 47 2.32 20.19 12.50
CA SER A 47 2.29 20.19 12.50
C SER A 47 2.51 20.86 13.86
C SER A 47 2.55 20.88 13.86
C SER A 47 2.51 20.86 13.86
N VAL A 48 2.93 20.10 14.88
CA VAL A 48 3.18 20.68 16.22
C VAL A 48 4.66 20.69 16.61
N GLY A 49 5.56 20.61 15.63
CA GLY A 49 6.99 20.71 15.90
C GLY A 49 7.86 19.49 15.82
N PHE A 50 7.30 18.28 15.95
CA PHE A 50 8.09 17.06 15.93
C PHE A 50 8.73 16.78 14.57
N SER A 51 10.05 16.66 14.55
CA SER A 51 10.83 16.44 13.33
C SER A 51 10.56 15.10 12.66
N THR A 52 10.92 14.99 11.38
CA THR A 52 10.73 13.81 10.52
C THR A 52 11.35 12.54 11.09
N ASP A 53 12.54 12.64 11.74
CA ASP A 53 13.34 11.55 12.31
C ASP A 53 12.47 10.40 12.92
N GLY A 54 11.96 10.57 14.15
CA GLY A 54 11.08 9.58 14.78
C GLY A 54 9.65 10.08 14.95
N PHE A 55 8.71 9.23 15.44
CA PHE A 55 7.33 9.64 15.64
C PHE A 55 7.10 10.21 17.02
N ALA A 56 6.79 11.52 17.10
CA ALA A 56 6.50 12.25 18.34
C ALA A 56 7.54 12.06 19.45
N THR A 57 8.83 11.97 19.09
CA THR A 57 9.87 11.82 20.10
C THR A 57 10.38 13.21 20.49
N THR A 58 10.18 13.57 21.75
CA THR A 58 10.58 14.85 22.32
C THR A 58 12.12 15.05 22.32
N THR A 59 12.62 16.21 22.75
CA THR A 59 14.06 16.45 22.78
C THR A 59 14.73 15.54 23.82
N THR A 60 14.05 15.27 24.95
CA THR A 60 14.58 14.38 25.97
C THR A 60 14.54 12.93 25.45
N MET A 61 13.45 12.51 24.80
CA MET A 61 13.37 11.15 24.24
C MET A 61 14.56 10.80 23.31
N ARG A 62 14.96 11.69 22.42
CA ARG A 62 16.09 11.43 21.50
C ARG A 62 17.42 11.37 22.24
N LYS A 63 17.58 12.23 23.25
CA LYS A 63 18.77 12.27 24.07
C LYS A 63 18.96 10.93 24.81
N LEU A 64 17.86 10.36 25.32
CA LEU A 64 17.91 9.12 26.07
C LEU A 64 17.61 7.86 25.23
N HIS A 65 17.59 7.96 23.89
CA HIS A 65 17.29 6.84 22.98
C HIS A 65 15.97 6.16 23.29
N LEU A 66 14.92 6.97 23.52
CA LEU A 66 13.59 6.43 23.79
C LEU A 66 12.66 6.71 22.63
N ILE A 67 11.70 5.79 22.40
CA ILE A 67 10.67 5.88 21.36
C ILE A 67 9.29 5.49 21.91
N TRP A 68 8.23 5.92 21.22
CA TRP A 68 6.86 5.54 21.55
C TRP A 68 6.55 4.28 20.74
N VAL A 69 6.01 3.25 21.38
CA VAL A 69 5.66 2.01 20.65
C VAL A 69 4.18 1.65 20.85
N THR A 70 3.52 1.08 19.82
CA THR A 70 2.12 0.67 19.97
C THR A 70 2.04 -0.62 20.81
N ALA A 71 1.17 -0.64 21.81
CA ALA A 71 0.92 -1.80 22.65
C ALA A 71 -0.46 -2.40 22.25
N ARG A 72 -1.46 -1.55 22.04
CA ARG A 72 -2.79 -2.01 21.63
C ARG A 72 -3.37 -1.09 20.55
N MET A 73 -4.19 -1.65 19.67
CA MET A 73 -4.89 -0.96 18.59
C MET A 73 -6.34 -1.49 18.60
N HIS A 74 -7.33 -0.60 18.58
CA HIS A 74 -8.73 -0.99 18.56
C HIS A 74 -9.46 -0.20 17.47
N ILE A 75 -10.15 -0.86 16.52
CA ILE A 75 -10.82 -0.17 15.42
C ILE A 75 -12.24 -0.65 15.23
N GLU A 76 -13.20 0.29 15.20
CA GLU A 76 -14.61 -0.02 14.96
C GLU A 76 -15.12 0.74 13.73
N ILE A 77 -15.57 0.02 12.69
CA ILE A 77 -16.04 0.64 11.45
C ILE A 77 -17.51 0.37 11.23
N TYR A 78 -18.31 1.43 11.03
CA TYR A 78 -19.75 1.32 10.75
C TYR A 78 -20.01 1.29 9.24
N LYS A 79 -19.24 2.09 8.49
CA LYS A 79 -19.36 2.17 7.04
C LYS A 79 -17.97 2.34 6.46
N TYR A 80 -17.63 1.49 5.49
CA TYR A 80 -16.34 1.61 4.82
C TYR A 80 -16.50 2.60 3.69
N PRO A 81 -15.68 3.66 3.64
CA PRO A 81 -15.84 4.63 2.54
C PRO A 81 -15.56 3.97 1.20
N ALA A 82 -16.34 4.31 0.17
CA ALA A 82 -16.15 3.72 -1.15
C ALA A 82 -15.06 4.45 -1.94
N TRP A 83 -14.53 3.81 -2.99
CA TRP A 83 -13.53 4.35 -3.90
C TRP A 83 -14.05 5.67 -4.52
N GLY A 84 -13.32 6.73 -4.28
CA GLY A 84 -13.71 8.05 -4.76
C GLY A 84 -14.29 8.94 -3.67
N ASP A 85 -14.73 8.34 -2.54
CA ASP A 85 -15.31 9.11 -1.45
C ASP A 85 -14.25 9.79 -0.61
N VAL A 86 -14.62 10.90 0.02
CA VAL A 86 -13.71 11.63 0.89
C VAL A 86 -14.00 11.26 2.35
N VAL A 87 -12.99 10.78 3.05
CA VAL A 87 -13.14 10.45 4.46
C VAL A 87 -12.35 11.49 5.26
N GLU A 88 -13.00 12.15 6.25
CA GLU A 88 -12.31 13.12 7.08
C GLU A 88 -12.02 12.47 8.43
N ILE A 89 -10.75 12.50 8.87
CA ILE A 89 -10.37 11.90 10.15
C ILE A 89 -9.85 12.95 11.12
N GLU A 90 -10.39 12.95 12.35
CA GLU A 90 -9.91 13.84 13.39
C GLU A 90 -9.19 13.01 14.45
N THR A 91 -7.98 13.42 14.82
CA THR A 91 -7.18 12.69 15.79
C THR A 91 -6.63 13.61 16.89
N TRP A 92 -6.29 13.00 18.02
CA TRP A 92 -5.74 13.71 19.16
C TRP A 92 -5.01 12.72 20.06
N CYS A 93 -4.11 13.23 20.91
CA CYS A 93 -3.41 12.40 21.85
C CYS A 93 -3.73 12.82 23.27
N GLN A 94 -3.76 11.87 24.18
CA GLN A 94 -4.02 12.14 25.58
C GLN A 94 -3.08 11.34 26.46
N SER A 95 -2.72 11.90 27.59
CA SER A 95 -1.87 11.23 28.55
C SER A 95 -2.70 10.28 29.41
N GLU A 96 -2.12 9.18 29.85
CA GLU A 96 -2.76 8.26 30.77
C GLU A 96 -1.82 8.06 31.96
N GLY A 97 -1.35 9.17 32.53
CA GLY A 97 -0.42 9.22 33.65
C GLY A 97 0.93 8.62 33.31
N ARG A 98 1.52 7.88 34.25
CA ARG A 98 2.81 7.23 34.01
C ARG A 98 2.70 5.93 33.18
N ILE A 99 1.47 5.50 32.84
CA ILE A 99 1.30 4.29 32.05
C ILE A 99 1.85 4.51 30.64
N GLY A 100 1.43 5.60 30.03
CA GLY A 100 1.83 5.96 28.68
C GLY A 100 0.82 6.90 28.07
N THR A 101 0.67 6.85 26.74
CA THR A 101 -0.26 7.72 26.05
C THR A 101 -1.34 6.93 25.30
N ARG A 102 -2.40 7.64 24.91
CA ARG A 102 -3.47 7.07 24.14
C ARG A 102 -3.75 8.00 22.96
N ARG A 103 -3.87 7.46 21.74
CA ARG A 103 -4.23 8.30 20.59
C ARG A 103 -5.57 7.81 20.03
N ASP A 104 -6.54 8.74 19.82
CA ASP A 104 -7.88 8.37 19.34
C ASP A 104 -8.20 9.00 17.98
N TRP A 105 -9.12 8.38 17.22
CA TRP A 105 -9.53 8.91 15.92
C TRP A 105 -11.03 8.79 15.71
N ILE A 106 -11.62 9.75 14.99
CA ILE A 106 -13.02 9.74 14.60
C ILE A 106 -13.04 9.83 13.07
N LEU A 107 -13.62 8.84 12.40
CA LEU A 107 -13.74 8.82 10.93
C LEU A 107 -15.10 9.37 10.58
N LYS A 108 -15.15 10.29 9.61
CA LYS A 108 -16.43 10.89 9.21
C LYS A 108 -16.59 10.95 7.69
N ASP A 109 -17.84 10.99 7.22
CA ASP A 109 -18.11 11.15 5.81
C ASP A 109 -18.08 12.65 5.55
N SER A 110 -17.29 13.09 4.57
CA SER A 110 -17.16 14.51 4.27
C SER A 110 -18.47 15.13 3.74
N VAL A 111 -19.33 14.32 3.12
CA VAL A 111 -20.57 14.82 2.54
C VAL A 111 -21.72 14.85 3.55
N THR A 112 -21.92 13.77 4.30
CA THR A 112 -23.00 13.68 5.27
C THR A 112 -22.64 14.24 6.66
N GLY A 113 -21.35 14.28 6.99
CA GLY A 113 -20.88 14.71 8.30
C GLY A 113 -21.03 13.67 9.40
N GLU A 114 -21.53 12.47 9.05
CA GLU A 114 -21.77 11.41 10.01
C GLU A 114 -20.51 10.62 10.35
N VAL A 115 -20.48 10.06 11.55
CA VAL A 115 -19.37 9.25 12.01
C VAL A 115 -19.49 7.88 11.38
N THR A 116 -18.51 7.49 10.54
CA THR A 116 -18.52 6.18 9.90
C THR A 116 -17.54 5.17 10.57
N GLY A 117 -16.77 5.62 11.55
CA GLY A 117 -15.82 4.77 12.24
C GLY A 117 -15.08 5.47 13.35
N ARG A 118 -14.39 4.71 14.19
CA ARG A 118 -13.60 5.27 15.28
C ARG A 118 -12.52 4.28 15.74
N ALA A 119 -11.40 4.80 16.22
CA ALA A 119 -10.30 3.97 16.65
C ALA A 119 -9.59 4.50 17.89
N THR A 120 -8.90 3.63 18.62
CA THR A 120 -8.14 4.00 19.80
C THR A 120 -6.87 3.15 19.84
N SER A 121 -5.75 3.74 20.26
CA SER A 121 -4.49 3.03 20.37
C SER A 121 -3.83 3.34 21.72
N LYS A 122 -3.09 2.38 22.29
CA LYS A 122 -2.39 2.59 23.55
C LYS A 122 -0.89 2.47 23.32
N TRP A 123 -0.15 3.54 23.58
CA TRP A 123 1.29 3.58 23.36
C TRP A 123 2.07 3.57 24.65
N VAL A 124 3.25 2.95 24.64
CA VAL A 124 4.13 2.90 25.81
C VAL A 124 5.54 3.39 25.44
N MET A 125 6.30 3.83 26.44
CA MET A 125 7.66 4.30 26.19
C MET A 125 8.68 3.16 26.27
N MET A 126 9.63 3.14 25.34
CA MET A 126 10.61 2.06 25.28
C MET A 126 11.99 2.56 24.81
N ASN A 127 13.06 1.88 25.25
CA ASN A 127 14.40 2.21 24.79
C ASN A 127 14.57 1.56 23.42
N GLN A 128 14.98 2.33 22.43
CA GLN A 128 15.23 1.96 21.03
C GLN A 128 16.11 0.71 20.89
N ASP A 129 17.20 0.64 21.67
CA ASP A 129 18.25 -0.38 21.64
C ASP A 129 17.99 -1.61 22.51
N THR A 130 17.83 -1.44 23.84
CA THR A 130 17.56 -2.58 24.72
C THR A 130 16.16 -3.16 24.57
N ARG A 131 15.21 -2.33 24.09
CA ARG A 131 13.80 -2.69 23.91
C ARG A 131 13.06 -2.81 25.25
N ARG A 132 13.55 -2.14 26.31
CA ARG A 132 12.95 -2.20 27.63
C ARG A 132 11.96 -1.10 27.90
N LEU A 133 10.77 -1.50 28.39
CA LEU A 133 9.70 -0.56 28.73
C LEU A 133 9.99 0.17 30.03
N GLN A 134 9.40 1.35 30.15
CA GLN A 134 9.52 2.17 31.36
C GLN A 134 8.31 3.09 31.49
N LYS A 135 8.08 3.59 32.70
CA LYS A 135 7.00 4.55 32.94
C LYS A 135 7.36 5.90 32.25
N VAL A 136 6.38 6.77 32.07
CA VAL A 136 6.62 8.07 31.45
C VAL A 136 7.22 9.05 32.46
N SER A 137 8.44 9.55 32.20
CA SER A 137 9.12 10.46 33.11
C SER A 137 8.42 11.82 33.20
N ASP A 138 8.63 12.55 34.31
CA ASP A 138 8.04 13.87 34.49
C ASP A 138 8.60 14.85 33.48
N ASP A 139 9.92 14.83 33.27
CA ASP A 139 10.58 15.73 32.32
C ASP A 139 10.04 15.56 30.91
N VAL A 140 9.81 14.30 30.51
CA VAL A 140 9.26 13.93 29.21
C VAL A 140 7.79 14.38 29.09
N ARG A 141 7.01 14.22 30.16
CA ARG A 141 5.60 14.61 30.26
C ARG A 141 5.36 16.10 30.03
N ASP A 142 6.16 16.99 30.63
CA ASP A 142 6.03 18.44 30.42
C ASP A 142 6.18 18.82 28.94
N GLU A 143 7.02 18.07 28.22
CA GLU A 143 7.31 18.32 26.81
C GLU A 143 6.15 17.98 25.87
N TYR A 144 5.35 16.94 26.16
CA TYR A 144 4.27 16.55 25.26
C TYR A 144 2.87 16.90 25.78
N LEU A 145 2.71 17.15 27.09
CA LEU A 145 1.41 17.47 27.69
C LEU A 145 0.79 18.73 27.12
N VAL A 146 1.63 19.67 26.65
CA VAL A 146 1.23 20.93 26.06
C VAL A 146 0.47 20.74 24.73
N PHE A 147 0.63 19.58 24.07
CA PHE A 147 -0.08 19.29 22.81
C PHE A 147 -1.36 18.44 23.00
N CYS A 148 -1.68 18.06 24.24
CA CYS A 148 -2.79 17.21 24.58
C CYS A 148 -3.86 17.95 25.33
N PRO A 149 -5.14 17.67 25.05
CA PRO A 149 -6.21 18.25 25.87
C PRO A 149 -6.14 17.65 27.29
N GLN A 150 -6.30 18.50 28.31
CA GLN A 150 -6.18 18.05 29.69
C GLN A 150 -7.45 17.31 30.16
N GLU A 151 -8.63 17.74 29.69
CA GLU A 151 -9.87 17.05 30.05
C GLU A 151 -10.00 15.78 29.21
N PRO A 152 -10.68 14.75 29.75
CA PRO A 152 -10.84 13.51 28.98
C PRO A 152 -11.64 13.71 27.69
N ARG A 153 -11.16 13.12 26.59
CA ARG A 153 -11.77 13.16 25.27
C ARG A 153 -11.58 11.76 24.69
N LEU A 154 -12.56 10.89 24.88
CA LEU A 154 -12.46 9.50 24.49
C LEU A 154 -13.30 9.08 23.32
N ALA A 155 -12.70 8.53 22.27
CA ALA A 155 -13.46 8.01 21.13
C ALA A 155 -14.38 6.87 21.59
N PHE A 156 -13.97 6.10 22.61
CA PHE A 156 -14.72 4.99 23.20
C PHE A 156 -14.96 5.28 24.69
N PRO A 157 -15.98 6.08 24.99
CA PRO A 157 -16.23 6.42 26.40
C PRO A 157 -16.89 5.29 27.22
N GLU A 158 -17.93 4.64 26.65
CA GLU A 158 -18.74 3.55 27.22
C GLU A 158 -18.13 2.77 28.40
N GLU A 159 -18.97 2.49 29.44
CA GLU A 159 -18.63 1.82 30.71
C GLU A 159 -17.77 0.54 30.53
N ASN A 160 -18.23 -0.45 29.76
CA ASN A 160 -17.47 -1.67 29.53
C ASN A 160 -17.35 -1.94 28.04
N ASN A 161 -16.57 -1.12 27.34
CA ASN A 161 -16.43 -1.26 25.89
C ASN A 161 -15.30 -2.23 25.50
N ARG A 162 -15.34 -2.70 24.25
CA ARG A 162 -14.46 -3.70 23.63
C ARG A 162 -12.96 -3.36 23.58
N SER A 163 -12.60 -2.06 23.62
CA SER A 163 -11.21 -1.58 23.52
C SER A 163 -10.32 -1.88 24.71
N LEU A 164 -10.90 -2.24 25.85
CA LEU A 164 -10.12 -2.49 27.07
C LEU A 164 -10.21 -3.95 27.57
N LYS A 165 -10.96 -4.82 26.86
CA LYS A 165 -11.16 -6.22 27.24
C LYS A 165 -9.89 -7.05 27.09
N LYS A 166 -9.54 -7.80 28.14
CA LYS A 166 -8.37 -8.68 28.17
C LYS A 166 -8.48 -9.77 27.08
N ILE A 167 -7.47 -9.90 26.20
CA ILE A 167 -7.51 -10.89 25.13
C ILE A 167 -6.79 -12.20 25.53
N PRO A 168 -7.48 -13.34 25.43
CA PRO A 168 -6.84 -14.62 25.81
C PRO A 168 -5.90 -15.18 24.74
N LYS A 169 -5.11 -16.18 25.12
CA LYS A 169 -4.19 -16.84 24.20
C LYS A 169 -4.86 -18.05 23.57
N LEU A 170 -4.90 -18.07 22.23
CA LEU A 170 -5.50 -19.10 21.39
C LEU A 170 -4.90 -20.46 21.74
N GLU A 171 -5.78 -21.46 21.92
CA GLU A 171 -5.34 -22.81 22.28
C GLU A 171 -5.16 -23.68 21.04
N ASP A 172 -4.15 -24.55 21.07
CA ASP A 172 -3.90 -25.46 19.96
C ASP A 172 -4.73 -26.73 20.10
N PRO A 173 -5.26 -27.29 19.01
CA PRO A 173 -5.12 -26.82 17.62
C PRO A 173 -6.09 -25.68 17.21
N ALA A 174 -5.60 -24.75 16.39
CA ALA A 174 -6.39 -23.65 15.86
C ALA A 174 -7.38 -24.20 14.83
N GLN A 175 -8.51 -23.51 14.64
CA GLN A 175 -9.52 -23.97 13.68
C GLN A 175 -9.08 -23.67 12.25
N TYR A 176 -8.51 -22.48 12.04
CA TYR A 176 -8.00 -22.00 10.76
C TYR A 176 -6.54 -21.52 10.89
N SER A 177 -5.79 -21.52 9.78
CA SER A 177 -4.39 -21.12 9.82
C SER A 177 -3.78 -20.71 8.48
N MET A 178 -2.88 -19.73 8.50
CA MET A 178 -2.12 -19.28 7.34
C MET A 178 -0.65 -19.31 7.74
N ILE A 179 0.10 -20.27 7.21
CA ILE A 179 1.49 -20.58 7.56
C ILE A 179 2.50 -19.99 6.58
N GLY A 180 3.67 -19.62 7.08
CA GLY A 180 4.79 -19.17 6.25
C GLY A 180 4.75 -17.75 5.73
N LEU A 181 4.24 -16.82 6.52
CA LEU A 181 4.12 -15.41 6.12
C LEU A 181 5.39 -14.60 6.35
N LYS A 182 5.98 -14.08 5.27
CA LYS A 182 7.20 -13.28 5.37
C LYS A 182 6.94 -11.87 4.92
N PRO A 183 7.48 -10.85 5.61
CA PRO A 183 7.34 -9.48 5.11
C PRO A 183 8.28 -9.20 3.93
N ARG A 184 7.86 -8.33 3.03
CA ARG A 184 8.70 -7.88 1.92
C ARG A 184 9.14 -6.41 2.18
N ARG A 185 9.90 -5.76 1.27
CA ARG A 185 10.35 -4.40 1.50
C ARG A 185 9.18 -3.41 1.62
N ALA A 186 8.06 -3.66 0.91
CA ALA A 186 6.87 -2.81 0.99
C ALA A 186 6.22 -2.86 2.38
N ASP A 187 6.45 -3.93 3.14
CA ASP A 187 5.93 -4.08 4.51
C ASP A 187 6.78 -3.31 5.55
N LEU A 188 7.96 -2.83 5.17
CA LEU A 188 8.84 -2.10 6.08
C LEU A 188 8.59 -0.61 6.01
N ASP A 189 8.80 0.09 7.14
CA ASP A 189 8.69 1.54 7.23
C ASP A 189 10.05 2.21 6.92
N MET A 190 10.13 3.55 7.08
CA MET A 190 11.36 4.32 6.82
C MET A 190 12.52 3.94 7.73
N ASN A 191 12.23 3.36 8.91
CA ASN A 191 13.27 2.94 9.86
C ASN A 191 13.63 1.45 9.76
N GLN A 192 13.15 0.76 8.68
CA GLN A 192 13.36 -0.64 8.31
C GLN A 192 12.67 -1.66 9.22
N HIS A 193 11.70 -1.22 10.04
CA HIS A 193 10.91 -2.13 10.88
C HIS A 193 9.62 -2.48 10.14
N VAL A 194 8.98 -3.61 10.50
CA VAL A 194 7.71 -3.99 9.87
C VAL A 194 6.61 -3.05 10.38
N ASN A 195 5.85 -2.44 9.45
CA ASN A 195 4.76 -1.53 9.72
C ASN A 195 3.70 -2.22 10.59
N ASN A 196 3.14 -1.56 11.64
CA ASN A 196 2.12 -2.18 12.47
C ASN A 196 0.85 -2.60 11.71
N VAL A 197 0.67 -2.09 10.48
CA VAL A 197 -0.48 -2.38 9.63
C VAL A 197 -0.37 -3.76 8.97
N THR A 198 0.89 -4.24 8.74
CA THR A 198 1.14 -5.57 8.17
C THR A 198 0.64 -6.68 9.09
N TYR A 199 0.74 -6.46 10.43
CA TYR A 199 0.26 -7.41 11.41
C TYR A 199 -1.26 -7.56 11.30
N ILE A 200 -1.98 -6.45 11.06
CA ILE A 200 -3.43 -6.46 10.86
C ILE A 200 -3.81 -7.38 9.68
N GLY A 201 -3.08 -7.24 8.58
CA GLY A 201 -3.29 -8.05 7.39
C GLY A 201 -2.94 -9.50 7.60
N TRP A 202 -1.84 -9.75 8.32
CA TRP A 202 -1.39 -11.10 8.65
C TRP A 202 -2.39 -11.81 9.54
N VAL A 203 -3.03 -11.08 10.47
CA VAL A 203 -4.07 -11.65 11.34
C VAL A 203 -5.26 -12.13 10.47
N LEU A 204 -5.72 -11.25 9.56
CA LEU A 204 -6.85 -11.53 8.67
C LEU A 204 -6.60 -12.63 7.62
N GLU A 205 -5.34 -13.05 7.42
CA GLU A 205 -5.03 -14.09 6.43
C GLU A 205 -5.55 -15.47 6.85
N SER A 206 -5.70 -15.71 8.17
CA SER A 206 -6.23 -16.99 8.64
C SER A 206 -7.78 -17.04 8.64
N ILE A 207 -8.47 -15.90 8.42
CA ILE A 207 -9.93 -15.85 8.31
C ILE A 207 -10.30 -16.49 6.96
N PRO A 208 -11.21 -17.47 6.95
CA PRO A 208 -11.58 -18.10 5.68
C PRO A 208 -12.18 -17.13 4.66
N GLN A 209 -11.93 -17.38 3.36
CA GLN A 209 -12.46 -16.52 2.30
C GLN A 209 -14.00 -16.42 2.30
N GLU A 210 -14.73 -17.48 2.63
CA GLU A 210 -16.20 -17.45 2.67
C GLU A 210 -16.74 -16.46 3.70
N ILE A 211 -16.04 -16.28 4.82
CA ILE A 211 -16.44 -15.31 5.84
C ILE A 211 -16.23 -13.89 5.31
N VAL A 212 -15.11 -13.66 4.64
CA VAL A 212 -14.78 -12.36 4.06
C VAL A 212 -15.77 -11.98 2.97
N ASP A 213 -16.19 -12.96 2.15
CA ASP A 213 -17.16 -12.72 1.07
C ASP A 213 -18.61 -12.45 1.54
N THR A 214 -19.04 -13.04 2.66
CA THR A 214 -20.40 -12.86 3.15
C THR A 214 -20.54 -11.89 4.33
N HIS A 215 -19.41 -11.50 4.96
CA HIS A 215 -19.44 -10.61 6.12
C HIS A 215 -18.59 -9.36 5.95
N GLU A 216 -18.79 -8.38 6.84
CA GLU A 216 -18.03 -7.14 6.88
C GLU A 216 -17.40 -7.04 8.25
N LEU A 217 -16.13 -6.64 8.29
CA LEU A 217 -15.42 -6.49 9.55
C LEU A 217 -15.96 -5.28 10.28
N GLN A 218 -16.55 -5.49 11.46
CA GLN A 218 -17.06 -4.40 12.24
C GLN A 218 -16.05 -3.94 13.28
N VAL A 219 -15.49 -4.87 14.08
CA VAL A 219 -14.55 -4.53 15.14
C VAL A 219 -13.27 -5.36 15.04
N ILE A 220 -12.13 -4.78 15.44
CA ILE A 220 -10.83 -5.46 15.50
C ILE A 220 -9.99 -4.90 16.65
N THR A 221 -9.53 -5.80 17.52
CA THR A 221 -8.69 -5.43 18.67
C THR A 221 -7.39 -6.22 18.55
N LEU A 222 -6.26 -5.54 18.60
CA LEU A 222 -4.97 -6.17 18.41
C LEU A 222 -3.96 -5.73 19.47
N ASP A 223 -3.32 -6.70 20.13
CA ASP A 223 -2.27 -6.50 21.13
C ASP A 223 -0.92 -6.83 20.52
N TYR A 224 0.01 -5.90 20.58
CA TYR A 224 1.36 -6.02 20.03
C TYR A 224 2.30 -6.44 21.16
N ARG A 225 2.82 -7.66 21.09
CA ARG A 225 3.70 -8.19 22.13
C ARG A 225 5.18 -8.12 21.79
N ARG A 226 5.52 -8.34 20.51
CA ARG A 226 6.90 -8.39 20.06
C ARG A 226 6.94 -8.06 18.57
N GLU A 227 8.04 -7.43 18.10
CA GLU A 227 8.15 -7.11 16.69
C GLU A 227 8.72 -8.28 15.87
N CYS A 228 8.30 -8.38 14.60
CA CYS A 228 8.73 -9.40 13.66
C CYS A 228 9.88 -8.80 12.85
N GLN A 229 11.03 -9.46 12.85
CA GLN A 229 12.19 -8.98 12.10
C GLN A 229 12.03 -9.32 10.62
N GLN A 230 12.71 -8.56 9.76
CA GLN A 230 12.80 -8.74 8.31
C GLN A 230 12.97 -10.22 7.90
N ASP A 231 13.86 -10.97 8.59
CA ASP A 231 14.13 -12.37 8.28
C ASP A 231 13.37 -13.40 9.17
N ASP A 232 12.23 -12.98 9.72
CA ASP A 232 11.39 -13.87 10.53
C ASP A 232 10.17 -14.30 9.72
N VAL A 233 9.71 -15.53 9.96
CA VAL A 233 8.54 -16.08 9.29
C VAL A 233 7.42 -16.21 10.33
N VAL A 234 6.20 -15.79 9.96
CA VAL A 234 5.04 -15.73 10.84
C VAL A 234 3.94 -16.75 10.49
N ASP A 235 3.27 -17.28 11.53
CA ASP A 235 2.16 -18.20 11.41
C ASP A 235 0.93 -17.52 11.98
N SER A 236 -0.18 -17.48 11.22
CA SER A 236 -1.42 -16.86 11.65
C SER A 236 -2.47 -17.91 11.99
N LEU A 237 -2.98 -17.92 13.24
CA LEU A 237 -3.96 -18.90 13.70
C LEU A 237 -5.28 -18.22 14.10
N THR A 238 -6.43 -18.84 13.74
CA THR A 238 -7.77 -18.31 14.05
C THR A 238 -8.71 -19.42 14.54
N THR A 239 -9.61 -19.08 15.48
CA THR A 239 -10.63 -19.99 16.01
C THR A 239 -11.92 -19.20 16.22
N THR A 240 -13.06 -19.71 15.75
CA THR A 240 -14.34 -19.03 15.91
C THR A 240 -14.78 -19.15 17.37
N THR A 241 -15.01 -18.04 18.05
CA THR A 241 -15.44 -18.08 19.46
C THR A 241 -16.90 -17.75 19.70
N SER A 242 -17.67 -17.46 18.62
CA SER A 242 -19.08 -17.12 18.77
C SER A 242 -19.96 -18.35 19.03
N ASN A 259 -26.08 -14.15 14.28
CA ASN A 259 -25.96 -13.28 13.11
C ASN A 259 -24.55 -12.64 12.98
N ASP A 260 -23.83 -12.50 14.12
CA ASP A 260 -22.47 -11.96 14.13
C ASP A 260 -21.46 -13.08 14.35
N SER A 261 -20.24 -12.92 13.83
CA SER A 261 -19.19 -13.92 14.00
C SER A 261 -17.97 -13.33 14.73
N GLN A 262 -17.47 -14.06 15.72
CA GLN A 262 -16.30 -13.64 16.51
C GLN A 262 -15.17 -14.62 16.31
N PHE A 263 -13.95 -14.12 16.36
CA PHE A 263 -12.77 -14.96 16.20
C PHE A 263 -11.67 -14.55 17.16
N LEU A 264 -10.96 -15.53 17.69
CA LEU A 264 -9.79 -15.31 18.52
C LEU A 264 -8.58 -15.52 17.58
N HIS A 265 -7.60 -14.61 17.62
CA HIS A 265 -6.45 -14.66 16.73
C HIS A 265 -5.11 -14.78 17.45
N LEU A 266 -4.11 -15.34 16.75
CA LEU A 266 -2.77 -15.47 17.29
C LEU A 266 -1.71 -15.47 16.19
N LEU A 267 -0.73 -14.57 16.30
CA LEU A 267 0.40 -14.51 15.39
C LEU A 267 1.61 -14.98 16.17
N ARG A 268 2.36 -15.93 15.62
CA ARG A 268 3.57 -16.42 16.28
C ARG A 268 4.67 -16.76 15.28
N LEU A 269 5.93 -16.75 15.73
CA LEU A 269 7.07 -17.08 14.85
C LEU A 269 6.96 -18.54 14.44
N SER A 270 7.08 -18.85 13.14
CA SER A 270 6.89 -20.22 12.66
C SER A 270 7.85 -21.22 13.24
N GLY A 271 9.01 -20.75 13.67
CA GLY A 271 10.00 -21.62 14.28
C GLY A 271 9.65 -21.97 15.72
N ASP A 272 10.28 -21.26 16.66
CA ASP A 272 10.13 -21.42 18.11
C ASP A 272 8.69 -21.31 18.62
N GLY A 273 7.84 -20.61 17.89
CA GLY A 273 6.46 -20.40 18.30
C GLY A 273 6.31 -19.23 19.24
N GLN A 274 7.26 -18.26 19.18
CA GLN A 274 7.27 -17.06 20.00
C GLN A 274 6.07 -16.21 19.64
N GLU A 275 5.30 -15.77 20.64
CA GLU A 275 4.14 -14.94 20.38
C GLU A 275 4.51 -13.51 19.99
N ILE A 276 3.96 -13.01 18.87
CA ILE A 276 4.24 -11.65 18.48
C ILE A 276 2.95 -10.80 18.58
N ASN A 277 1.79 -11.37 18.25
CA ASN A 277 0.52 -10.63 18.34
C ASN A 277 -0.64 -11.53 18.73
N ARG A 278 -1.65 -10.96 19.37
CA ARG A 278 -2.89 -11.64 19.72
C ARG A 278 -4.07 -10.63 19.58
N GLY A 279 -5.26 -11.12 19.26
CA GLY A 279 -6.40 -10.23 19.07
C GLY A 279 -7.74 -10.90 18.80
N THR A 280 -8.76 -10.08 18.57
CA THR A 280 -10.13 -10.54 18.28
C THR A 280 -10.76 -9.69 17.20
N THR A 281 -11.70 -10.29 16.46
CA THR A 281 -12.44 -9.58 15.42
C THR A 281 -13.93 -9.86 15.57
N LEU A 282 -14.77 -8.97 15.05
CA LEU A 282 -16.22 -9.17 15.06
C LEU A 282 -16.72 -8.84 13.66
N TRP A 283 -17.50 -9.73 13.07
CA TRP A 283 -18.00 -9.54 11.72
C TRP A 283 -19.52 -9.61 11.70
N ARG A 284 -20.16 -8.76 10.87
CA ARG A 284 -21.60 -8.83 10.73
C ARG A 284 -21.98 -9.23 9.30
N LYS A 285 -23.12 -9.94 9.16
CA LYS A 285 -23.60 -10.42 7.87
C LYS A 285 -23.94 -9.26 6.95
N LYS A 286 -23.64 -9.37 5.64
CA LYS A 286 -23.96 -8.31 4.67
C LYS A 286 -25.46 -8.20 4.42
N GLY B 2 -7.25 16.68 -9.35
CA GLY B 2 -7.24 15.93 -10.60
C GLY B 2 -8.15 16.54 -11.65
N SER B 3 -7.65 16.68 -12.88
CA SER B 3 -8.45 17.26 -13.95
C SER B 3 -7.85 17.03 -15.33
N LEU B 4 -8.70 17.00 -16.37
CA LEU B 4 -8.26 16.87 -17.76
C LEU B 4 -7.69 18.20 -18.22
N THR B 5 -6.71 18.17 -19.13
CA THR B 5 -6.18 19.40 -19.72
C THR B 5 -7.22 20.07 -20.65
N GLU B 6 -6.97 21.30 -21.12
CA GLU B 6 -7.91 22.05 -21.96
C GLU B 6 -8.47 21.26 -23.17
N ASP B 7 -7.62 20.44 -23.83
CA ASP B 7 -8.06 19.67 -24.98
C ASP B 7 -8.83 18.37 -24.64
N GLY B 8 -8.84 17.97 -23.37
CA GLY B 8 -9.49 16.73 -22.95
C GLY B 8 -8.76 15.50 -23.45
N LEU B 9 -7.47 15.63 -23.80
CA LEU B 9 -6.67 14.54 -24.34
C LEU B 9 -5.59 14.02 -23.39
N SER B 10 -5.45 14.61 -22.19
CA SER B 10 -4.56 14.14 -21.14
C SER B 10 -5.15 14.53 -19.76
N TYR B 11 -4.58 14.00 -18.68
CA TYR B 11 -5.10 14.22 -17.33
C TYR B 11 -3.98 14.51 -16.35
N LYS B 12 -4.21 15.43 -15.40
CA LYS B 12 -3.20 15.74 -14.39
C LYS B 12 -3.73 15.56 -12.98
N GLU B 13 -2.85 15.16 -12.06
CA GLU B 13 -3.20 15.01 -10.65
C GLU B 13 -1.98 15.24 -9.76
N LYS B 14 -2.20 15.86 -8.60
CA LYS B 14 -1.16 16.13 -7.63
C LYS B 14 -1.29 15.19 -6.45
N PHE B 15 -0.17 14.66 -5.92
CA PHE B 15 -0.19 13.73 -4.80
C PHE B 15 0.83 14.15 -3.73
N VAL B 16 0.41 14.20 -2.47
CA VAL B 16 1.33 14.46 -1.37
C VAL B 16 1.92 13.10 -0.99
N VAL B 17 3.25 12.98 -0.85
CA VAL B 17 3.85 11.69 -0.50
C VAL B 17 3.59 11.37 0.99
N ARG B 18 3.00 10.19 1.27
CA ARG B 18 2.62 9.78 2.62
C ARG B 18 3.73 9.07 3.39
N SER B 19 3.66 9.15 4.74
CA SER B 19 4.63 8.57 5.66
C SER B 19 4.94 7.11 5.40
N TYR B 20 3.91 6.28 5.16
CA TYR B 20 4.08 4.85 4.91
C TYR B 20 4.44 4.49 3.46
N GLU B 21 4.55 5.48 2.59
CA GLU B 21 4.87 5.24 1.18
C GLU B 21 6.38 5.34 0.88
N VAL B 22 7.20 5.71 1.88
CA VAL B 22 8.64 5.92 1.70
C VAL B 22 9.49 4.81 2.31
N GLY B 23 10.73 4.68 1.80
CA GLY B 23 11.70 3.70 2.29
C GLY B 23 12.69 4.33 3.25
N SER B 24 13.90 3.71 3.39
CA SER B 24 14.95 4.17 4.32
C SER B 24 15.52 5.57 4.01
N ASN B 25 15.55 5.99 2.74
CA ASN B 25 16.02 7.34 2.38
C ASN B 25 14.97 8.44 2.64
N LYS B 26 13.76 8.07 3.08
CA LYS B 26 12.64 8.99 3.28
C LYS B 26 12.07 9.51 1.94
N THR B 27 12.26 8.75 0.85
CA THR B 27 11.71 9.08 -0.47
C THR B 27 10.79 7.93 -0.91
N ALA B 28 9.78 8.26 -1.73
CA ALA B 28 8.79 7.31 -2.23
C ALA B 28 9.42 6.07 -2.84
N THR B 29 8.86 4.90 -2.58
CA THR B 29 9.38 3.67 -3.15
C THR B 29 8.91 3.54 -4.60
N VAL B 30 9.53 2.66 -5.39
CA VAL B 30 9.13 2.48 -6.79
C VAL B 30 7.72 1.84 -6.90
N GLU B 31 7.25 1.18 -5.84
CA GLU B 31 5.89 0.62 -5.80
C GLU B 31 4.88 1.70 -5.48
N THR B 32 5.27 2.73 -4.70
CA THR B 32 4.40 3.86 -4.43
C THR B 32 4.19 4.63 -5.73
N ILE B 33 5.26 4.86 -6.51
CA ILE B 33 5.17 5.53 -7.80
C ILE B 33 4.27 4.74 -8.73
N ALA B 34 4.50 3.42 -8.84
CA ALA B 34 3.71 2.50 -9.67
C ALA B 34 2.21 2.57 -9.36
N ASN B 35 1.89 2.71 -8.06
CA ASN B 35 0.52 2.81 -7.54
C ASN B 35 -0.10 4.15 -7.92
N LEU B 36 0.68 5.23 -7.85
CA LEU B 36 0.22 6.56 -8.22
C LEU B 36 -0.05 6.63 -9.72
N LEU B 37 0.77 5.93 -10.55
CA LEU B 37 0.58 5.90 -11.99
C LEU B 37 -0.74 5.22 -12.34
N GLN B 38 -1.08 4.12 -11.66
CA GLN B 38 -2.31 3.42 -11.96
C GLN B 38 -3.53 4.19 -11.44
N GLU B 39 -3.39 4.91 -10.31
CA GLU B 39 -4.48 5.70 -9.74
C GLU B 39 -4.83 6.86 -10.65
N VAL B 40 -3.83 7.60 -11.15
CA VAL B 40 -4.07 8.69 -12.08
C VAL B 40 -4.64 8.14 -13.42
N GLY B 41 -4.26 6.94 -13.81
CA GLY B 41 -4.80 6.28 -14.99
C GLY B 41 -6.28 5.97 -14.83
N CYS B 42 -6.68 5.46 -13.65
CA CYS B 42 -8.08 5.16 -13.37
C CYS B 42 -8.89 6.44 -13.35
N ASN B 43 -8.37 7.49 -12.71
CA ASN B 43 -9.04 8.79 -12.63
C ASN B 43 -9.23 9.43 -14.01
N HIS B 44 -8.23 9.30 -14.90
CA HIS B 44 -8.34 9.81 -16.27
C HIS B 44 -9.51 9.08 -16.98
N ALA B 45 -9.60 7.74 -16.88
CA ALA B 45 -10.69 6.95 -17.49
C ALA B 45 -12.05 7.27 -16.88
N GLN B 46 -12.11 7.55 -15.57
CA GLN B 46 -13.36 7.89 -14.91
C GLN B 46 -13.83 9.27 -15.37
N SER B 47 -12.89 10.22 -15.53
CA SER B 47 -13.21 11.59 -15.96
C SER B 47 -13.65 11.69 -17.42
N VAL B 48 -13.51 10.62 -18.21
CA VAL B 48 -13.95 10.63 -19.61
C VAL B 48 -15.11 9.66 -19.88
N GLY B 49 -15.85 9.27 -18.84
CA GLY B 49 -17.03 8.44 -18.99
C GLY B 49 -16.99 6.98 -18.59
N PHE B 50 -15.79 6.37 -18.51
CA PHE B 50 -15.68 4.96 -18.18
C PHE B 50 -16.10 4.64 -16.74
N SER B 51 -17.09 3.77 -16.61
CA SER B 51 -17.65 3.37 -15.33
C SER B 51 -16.73 2.44 -14.53
N THR B 52 -17.11 2.13 -13.28
CA THR B 52 -16.34 1.27 -12.38
C THR B 52 -16.35 -0.22 -12.89
N ASP B 53 -15.77 -1.16 -12.11
CA ASP B 53 -15.68 -2.58 -12.44
C ASP B 53 -14.52 -2.83 -13.43
N GLY B 54 -14.64 -2.31 -14.66
CA GLY B 54 -13.59 -2.48 -15.65
C GLY B 54 -12.80 -1.23 -15.97
N PHE B 55 -11.47 -1.36 -16.08
CA PHE B 55 -10.62 -0.22 -16.43
C PHE B 55 -10.68 0.06 -17.93
N ALA B 56 -11.23 1.22 -18.29
CA ALA B 56 -11.35 1.71 -19.67
C ALA B 56 -11.98 0.71 -20.65
N THR B 57 -12.97 -0.08 -20.19
CA THR B 57 -13.63 -1.02 -21.08
C THR B 57 -14.83 -0.34 -21.73
N THR B 58 -14.80 -0.23 -23.06
CA THR B 58 -15.86 0.41 -23.84
C THR B 58 -17.20 -0.36 -23.78
N THR B 59 -18.27 0.14 -24.41
CA THR B 59 -19.56 -0.54 -24.40
C THR B 59 -19.47 -1.86 -25.17
N THR B 60 -18.68 -1.90 -26.25
CA THR B 60 -18.50 -3.11 -27.03
C THR B 60 -17.67 -4.11 -26.23
N MET B 61 -16.56 -3.67 -25.60
CA MET B 61 -15.76 -4.57 -24.78
C MET B 61 -16.56 -5.34 -23.71
N ARG B 62 -17.45 -4.68 -22.97
CA ARG B 62 -18.25 -5.35 -21.94
C ARG B 62 -19.21 -6.37 -22.54
N LYS B 63 -19.79 -6.03 -23.68
CA LYS B 63 -20.71 -6.88 -24.42
C LYS B 63 -19.99 -8.18 -24.84
N LEU B 64 -18.73 -8.05 -25.29
CA LEU B 64 -17.96 -9.20 -25.76
C LEU B 64 -17.05 -9.83 -24.72
N HIS B 65 -17.17 -9.44 -23.43
CA HIS B 65 -16.32 -9.92 -22.33
C HIS B 65 -14.82 -9.71 -22.60
N LEU B 66 -14.46 -8.48 -23.02
CA LEU B 66 -13.09 -8.08 -23.33
C LEU B 66 -12.56 -7.09 -22.32
N ILE B 67 -11.29 -7.24 -21.91
CA ILE B 67 -10.60 -6.34 -20.98
C ILE B 67 -9.23 -5.92 -21.53
N TRP B 68 -8.70 -4.81 -21.03
CA TRP B 68 -7.36 -4.33 -21.36
C TRP B 68 -6.41 -4.93 -20.33
N VAL B 69 -5.30 -5.50 -20.79
CA VAL B 69 -4.34 -6.14 -19.88
C VAL B 69 -2.93 -5.56 -20.08
N THR B 70 -2.13 -5.37 -18.99
CA THR B 70 -0.76 -4.87 -19.16
C THR B 70 0.15 -6.00 -19.70
N ALA B 71 0.91 -5.70 -20.75
CA ALA B 71 1.88 -6.62 -21.34
C ALA B 71 3.30 -6.16 -20.92
N ARG B 72 3.55 -4.85 -20.90
CA ARG B 72 4.85 -4.31 -20.54
C ARG B 72 4.69 -3.03 -19.72
N MET B 73 5.66 -2.78 -18.84
CA MET B 73 5.72 -1.60 -17.98
C MET B 73 7.19 -1.14 -17.98
N HIS B 74 7.44 0.14 -18.21
CA HIS B 74 8.79 0.68 -18.21
C HIS B 74 8.81 1.97 -17.37
N ILE B 75 9.68 2.07 -16.36
CA ILE B 75 9.72 3.24 -15.49
C ILE B 75 11.13 3.77 -15.28
N GLU B 76 11.34 5.08 -15.51
N GLU B 76 11.34 5.08 -15.50
N GLU B 76 11.34 5.08 -15.51
CA GLU B 76 12.64 5.70 -15.29
CA GLU B 76 12.62 5.73 -15.29
CA GLU B 76 12.64 5.70 -15.29
C GLU B 76 12.49 6.87 -14.31
C GLU B 76 12.47 6.86 -14.29
C GLU B 76 12.48 6.86 -14.31
N ILE B 77 13.17 6.80 -13.17
CA ILE B 77 13.09 7.83 -12.12
C ILE B 77 14.40 8.56 -11.95
N TYR B 78 14.38 9.89 -12.03
CA TYR B 78 15.58 10.72 -11.84
C TYR B 78 15.69 11.17 -10.38
N LYS B 79 14.55 11.48 -9.75
CA LYS B 79 14.48 11.92 -8.37
C LYS B 79 13.23 11.33 -7.73
N TYR B 80 13.39 10.67 -6.59
CA TYR B 80 12.25 10.12 -5.87
C TYR B 80 11.71 11.22 -4.99
N PRO B 81 10.41 11.55 -5.10
CA PRO B 81 9.86 12.63 -4.24
C PRO B 81 9.96 12.23 -2.77
N ALA B 82 10.29 13.17 -1.89
CA ALA B 82 10.41 12.88 -0.47
C ALA B 82 9.03 12.94 0.23
N TRP B 83 8.93 12.34 1.42
CA TRP B 83 7.75 12.34 2.27
C TRP B 83 7.32 13.80 2.55
N GLY B 84 6.11 14.13 2.15
CA GLY B 84 5.59 15.48 2.33
C GLY B 84 5.59 16.27 1.04
N ASP B 85 6.38 15.86 0.03
CA ASP B 85 6.45 16.58 -1.23
C ASP B 85 5.26 16.29 -2.12
N VAL B 86 4.92 17.24 -2.98
CA VAL B 86 3.82 17.07 -3.93
C VAL B 86 4.39 16.66 -5.30
N VAL B 87 3.93 15.52 -5.82
CA VAL B 87 4.35 15.07 -7.14
C VAL B 87 3.15 15.23 -8.08
N GLU B 88 3.35 15.92 -9.21
CA GLU B 88 2.28 16.09 -10.19
C GLU B 88 2.52 15.13 -11.35
N ILE B 89 1.54 14.29 -11.70
CA ILE B 89 1.70 13.33 -12.79
C ILE B 89 0.71 13.63 -13.93
N GLU B 90 1.23 13.69 -15.16
CA GLU B 90 0.38 13.88 -16.32
C GLU B 90 0.39 12.59 -17.14
N THR B 91 -0.80 12.09 -17.50
CA THR B 91 -0.92 10.85 -18.24
C THR B 91 -1.83 10.99 -19.46
N TRP B 92 -1.67 10.08 -20.41
CA TRP B 92 -2.44 10.06 -21.63
C TRP B 92 -2.36 8.67 -22.26
N CYS B 93 -3.32 8.36 -23.12
CA CYS B 93 -3.30 7.08 -23.83
C CYS B 93 -3.18 7.32 -25.33
N GLN B 94 -2.53 6.40 -26.01
CA GLN B 94 -2.39 6.48 -27.47
C GLN B 94 -2.59 5.12 -28.09
N SER B 95 -3.13 5.10 -29.31
CA SER B 95 -3.37 3.87 -30.04
C SER B 95 -2.10 3.47 -30.80
N GLU B 96 -1.84 2.16 -30.90
CA GLU B 96 -0.71 1.65 -31.66
C GLU B 96 -1.23 0.68 -32.71
N GLY B 97 -2.26 1.11 -33.46
CA GLY B 97 -2.92 0.30 -34.48
C GLY B 97 -3.70 -0.83 -33.85
N ARG B 98 -3.72 -2.00 -34.49
CA ARG B 98 -4.38 -3.17 -33.89
C ARG B 98 -3.45 -4.01 -33.00
N ILE B 99 -2.21 -3.53 -32.76
CA ILE B 99 -1.27 -4.19 -31.85
C ILE B 99 -1.83 -4.07 -30.42
N GLY B 100 -2.32 -2.89 -30.07
CA GLY B 100 -2.90 -2.63 -28.77
C GLY B 100 -2.91 -1.13 -28.51
N THR B 101 -2.69 -0.76 -27.26
CA THR B 101 -2.68 0.62 -26.85
C THR B 101 -1.44 0.90 -25.94
N ARG B 102 -1.05 2.17 -25.78
CA ARG B 102 0.10 2.54 -24.96
C ARG B 102 -0.31 3.66 -24.03
N ARG B 103 0.02 3.58 -22.72
CA ARG B 103 -0.28 4.69 -21.80
C ARG B 103 1.04 5.25 -21.25
N ASP B 104 1.25 6.58 -21.31
CA ASP B 104 2.50 7.21 -20.85
C ASP B 104 2.27 8.16 -19.68
N TRP B 105 3.32 8.42 -18.88
CA TRP B 105 3.24 9.33 -17.75
C TRP B 105 4.50 10.19 -17.63
N ILE B 106 4.32 11.43 -17.16
CA ILE B 106 5.42 12.34 -16.86
C ILE B 106 5.25 12.75 -15.40
N LEU B 107 6.26 12.46 -14.57
N LEU B 107 6.26 12.46 -14.57
N LEU B 107 6.26 12.46 -14.57
CA LEU B 107 6.25 12.81 -13.16
CA LEU B 107 6.25 12.81 -13.16
CA LEU B 107 6.25 12.81 -13.16
C LEU B 107 7.00 14.12 -12.99
C LEU B 107 7.01 14.12 -12.99
C LEU B 107 7.00 14.12 -12.99
N LYS B 108 6.42 15.08 -12.27
CA LYS B 108 7.05 16.39 -12.07
C LYS B 108 7.03 16.86 -10.62
N ASP B 109 7.96 17.75 -10.27
CA ASP B 109 7.98 18.32 -8.94
C ASP B 109 7.03 19.52 -8.99
N SER B 110 6.06 19.58 -8.07
CA SER B 110 5.08 20.67 -8.06
C SER B 110 5.71 22.05 -7.77
N VAL B 111 6.84 22.07 -7.04
CA VAL B 111 7.49 23.31 -6.67
C VAL B 111 8.46 23.83 -7.73
N THR B 112 9.32 22.95 -8.25
CA THR B 112 10.30 23.33 -9.27
C THR B 112 9.78 23.26 -10.72
N GLY B 113 8.75 22.46 -10.95
CA GLY B 113 8.21 22.24 -12.30
C GLY B 113 9.03 21.29 -13.15
N GLU B 114 10.13 20.74 -12.61
CA GLU B 114 11.03 19.87 -13.35
C GLU B 114 10.54 18.44 -13.42
N VAL B 115 10.94 17.74 -14.47
CA VAL B 115 10.58 16.35 -14.68
C VAL B 115 11.46 15.49 -13.78
N THR B 116 10.86 14.78 -12.83
CA THR B 116 11.61 13.91 -11.92
C THR B 116 11.47 12.40 -12.29
N GLY B 117 10.67 12.08 -13.30
CA GLY B 117 10.47 10.70 -13.72
C GLY B 117 9.53 10.57 -14.91
N ARG B 118 9.53 9.40 -15.54
N ARG B 118 9.53 9.40 -15.54
N ARG B 118 9.52 9.39 -15.54
CA ARG B 118 8.65 9.13 -16.68
CA ARG B 118 8.65 9.13 -16.68
CA ARG B 118 8.64 9.13 -16.67
C ARG B 118 8.41 7.63 -16.84
C ARG B 118 8.41 7.63 -16.84
C ARG B 118 8.41 7.63 -16.84
N ALA B 119 7.23 7.24 -17.32
CA ALA B 119 6.90 5.84 -17.49
C ALA B 119 6.09 5.57 -18.77
N THR B 120 6.12 4.33 -19.25
CA THR B 120 5.37 3.90 -20.41
C THR B 120 4.88 2.47 -20.20
N SER B 121 3.67 2.17 -20.64
CA SER B 121 3.09 0.83 -20.51
C SER B 121 2.48 0.39 -21.85
N LYS B 122 2.51 -0.91 -22.15
CA LYS B 122 1.91 -1.43 -23.38
C LYS B 122 0.78 -2.38 -23.02
N TRP B 123 -0.44 -2.06 -23.44
CA TRP B 123 -1.62 -2.87 -23.12
C TRP B 123 -2.13 -3.62 -24.32
N VAL B 124 -2.67 -4.82 -24.08
CA VAL B 124 -3.24 -5.64 -25.13
C VAL B 124 -4.69 -6.02 -24.79
N MET B 125 -5.50 -6.30 -25.81
CA MET B 125 -6.90 -6.70 -25.57
C MET B 125 -7.00 -8.20 -25.34
N MET B 126 -7.86 -8.61 -24.41
CA MET B 126 -7.98 -10.03 -24.06
C MET B 126 -9.40 -10.40 -23.60
N ASN B 127 -9.82 -11.65 -23.80
CA ASN B 127 -11.11 -12.12 -23.30
C ASN B 127 -10.90 -12.42 -21.82
N GLN B 128 -11.70 -11.84 -20.91
CA GLN B 128 -11.54 -12.10 -19.47
C GLN B 128 -11.70 -13.55 -19.06
N ASP B 129 -12.51 -14.33 -19.80
CA ASP B 129 -12.79 -15.74 -19.47
C ASP B 129 -11.77 -16.73 -20.04
N THR B 130 -11.57 -16.78 -21.37
CA THR B 130 -10.61 -17.68 -22.00
C THR B 130 -9.15 -17.23 -21.89
N ARG B 131 -8.92 -15.92 -21.67
CA ARG B 131 -7.62 -15.27 -21.59
C ARG B 131 -6.91 -15.22 -22.97
N ARG B 132 -7.68 -15.22 -24.06
CA ARG B 132 -7.12 -15.19 -25.41
C ARG B 132 -6.98 -13.80 -25.94
N LEU B 133 -5.82 -13.48 -26.49
CA LEU B 133 -5.46 -12.14 -26.93
C LEU B 133 -6.39 -11.49 -27.98
N GLN B 134 -6.32 -11.82 -29.28
CA GLN B 134 -7.12 -11.11 -30.29
C GLN B 134 -6.69 -9.65 -30.53
N LYS B 135 -6.70 -9.23 -31.79
CA LYS B 135 -6.33 -7.88 -32.19
C LYS B 135 -7.40 -6.84 -31.79
N VAL B 136 -7.08 -5.54 -31.88
CA VAL B 136 -8.03 -4.49 -31.52
C VAL B 136 -9.05 -4.33 -32.66
N SER B 137 -10.33 -4.61 -32.40
CA SER B 137 -11.40 -4.51 -33.39
C SER B 137 -11.68 -3.06 -33.79
N ASP B 138 -12.01 -2.81 -35.08
CA ASP B 138 -12.31 -1.47 -35.61
C ASP B 138 -13.43 -0.76 -34.83
N ASP B 139 -14.51 -1.50 -34.53
CA ASP B 139 -15.64 -0.98 -33.79
C ASP B 139 -15.22 -0.48 -32.41
N VAL B 140 -14.30 -1.20 -31.74
CA VAL B 140 -13.82 -0.76 -30.42
C VAL B 140 -12.84 0.43 -30.56
N ARG B 141 -12.09 0.53 -31.68
CA ARG B 141 -11.16 1.63 -31.91
C ARG B 141 -11.91 2.95 -31.95
N ASP B 142 -13.02 3.03 -32.70
CA ASP B 142 -13.80 4.26 -32.79
C ASP B 142 -14.27 4.76 -31.42
N GLU B 143 -14.52 3.84 -30.50
CA GLU B 143 -15.00 4.14 -29.18
C GLU B 143 -13.95 4.77 -28.26
N TYR B 144 -12.67 4.38 -28.37
CA TYR B 144 -11.65 4.94 -27.48
C TYR B 144 -10.70 5.94 -28.16
N LEU B 145 -10.62 5.94 -29.50
CA LEU B 145 -9.76 6.86 -30.24
C LEU B 145 -10.06 8.32 -29.99
N VAL B 146 -11.33 8.62 -29.68
CA VAL B 146 -11.82 9.97 -29.39
C VAL B 146 -11.21 10.56 -28.11
N PHE B 147 -10.67 9.71 -27.21
CA PHE B 147 -10.03 10.17 -25.97
C PHE B 147 -8.48 10.26 -26.07
N CYS B 148 -7.92 9.91 -27.22
CA CYS B 148 -6.50 9.85 -27.44
C CYS B 148 -6.04 10.91 -28.41
N PRO B 149 -4.86 11.52 -28.17
CA PRO B 149 -4.31 12.44 -29.17
C PRO B 149 -3.91 11.65 -30.42
N GLN B 150 -4.20 12.18 -31.60
CA GLN B 150 -3.93 11.47 -32.85
C GLN B 150 -2.44 11.58 -33.24
N GLU B 151 -1.81 12.72 -32.95
CA GLU B 151 -0.38 12.88 -33.24
C GLU B 151 0.44 12.15 -32.18
N PRO B 152 1.64 11.64 -32.53
CA PRO B 152 2.45 10.95 -31.53
C PRO B 152 2.87 11.85 -30.38
N ARG B 153 2.76 11.34 -29.14
CA ARG B 153 3.12 12.01 -27.91
C ARG B 153 3.76 10.94 -27.04
N LEU B 154 5.09 10.84 -27.11
CA LEU B 154 5.81 9.77 -26.43
C LEU B 154 6.66 10.22 -25.27
N ALA B 155 6.44 9.63 -24.08
CA ALA B 155 7.27 9.94 -22.92
C ALA B 155 8.74 9.54 -23.20
N PHE B 156 8.95 8.48 -24.01
CA PHE B 156 10.25 7.96 -24.40
C PHE B 156 10.38 8.02 -25.92
N PRO B 157 10.71 9.20 -26.47
CA PRO B 157 10.81 9.31 -27.92
C PRO B 157 12.08 8.69 -28.52
N GLU B 158 13.25 8.97 -27.92
CA GLU B 158 14.61 8.53 -28.29
C GLU B 158 14.70 7.30 -29.22
N GLU B 159 15.55 7.39 -30.26
CA GLU B 159 15.75 6.25 -31.14
C GLU B 159 16.51 5.18 -30.36
N ASN B 160 16.02 3.93 -30.40
CA ASN B 160 16.60 2.80 -29.64
C ASN B 160 16.70 3.10 -28.14
N ASN B 161 15.55 3.14 -27.46
CA ASN B 161 15.52 3.38 -26.02
C ASN B 161 15.24 2.09 -25.22
N ARG B 162 15.45 2.15 -23.90
CA ARG B 162 15.32 0.99 -23.01
C ARG B 162 13.92 0.36 -22.92
N SER B 163 12.85 1.14 -23.21
CA SER B 163 11.45 0.69 -23.11
C SER B 163 11.00 -0.32 -24.14
N LEU B 164 11.76 -0.48 -25.23
CA LEU B 164 11.38 -1.40 -26.31
C LEU B 164 12.36 -2.58 -26.51
N LYS B 165 13.43 -2.64 -25.70
CA LYS B 165 14.45 -3.67 -25.79
C LYS B 165 13.94 -5.06 -25.39
N LYS B 166 14.21 -6.05 -26.23
CA LYS B 166 13.82 -7.45 -26.00
C LYS B 166 14.48 -7.99 -24.71
N ILE B 167 13.69 -8.52 -23.76
CA ILE B 167 14.25 -9.04 -22.51
C ILE B 167 14.50 -10.56 -22.57
N PRO B 168 15.74 -11.00 -22.29
CA PRO B 168 16.02 -12.43 -22.34
C PRO B 168 15.55 -13.21 -21.10
N LYS B 169 15.54 -14.54 -21.21
CA LYS B 169 15.14 -15.41 -20.10
C LYS B 169 16.37 -15.81 -19.28
N LEU B 170 16.33 -15.52 -17.97
CA LEU B 170 17.37 -15.78 -16.99
C LEU B 170 17.74 -17.26 -17.00
N GLU B 171 19.04 -17.55 -17.04
CA GLU B 171 19.52 -18.92 -17.08
C GLU B 171 19.83 -19.44 -15.67
N ASP B 172 19.56 -20.72 -15.44
CA ASP B 172 19.84 -21.34 -14.14
C ASP B 172 21.28 -21.84 -14.10
N PRO B 173 21.97 -21.72 -12.95
CA PRO B 173 21.47 -21.16 -11.68
C PRO B 173 21.52 -19.62 -11.59
N ALA B 174 20.49 -19.03 -10.94
CA ALA B 174 20.43 -17.60 -10.71
C ALA B 174 21.46 -17.20 -9.66
N GLN B 175 21.94 -15.96 -9.68
CA GLN B 175 22.95 -15.50 -8.73
C GLN B 175 22.31 -15.25 -7.37
N TYR B 176 21.12 -14.62 -7.37
CA TYR B 176 20.34 -14.30 -6.19
C TYR B 176 18.90 -14.85 -6.32
N SER B 177 18.22 -15.08 -5.18
CA SER B 177 16.87 -15.62 -5.21
C SER B 177 16.05 -15.40 -3.94
N MET B 178 14.75 -15.19 -4.10
CA MET B 178 13.80 -15.07 -2.99
C MET B 178 12.66 -16.05 -3.29
N ILE B 179 12.63 -17.16 -2.57
CA ILE B 179 11.64 -18.20 -2.84
C ILE B 179 10.49 -18.21 -1.83
N GLY B 180 9.36 -18.75 -2.26
CA GLY B 180 8.16 -18.92 -1.44
C GLY B 180 7.30 -17.70 -1.24
N LEU B 181 7.19 -16.83 -2.24
CA LEU B 181 6.40 -15.59 -2.15
C LEU B 181 4.92 -15.79 -2.45
N LYS B 182 4.05 -15.53 -1.47
CA LYS B 182 2.61 -15.67 -1.66
C LYS B 182 1.94 -14.33 -1.53
N PRO B 183 0.95 -14.03 -2.38
CA PRO B 183 0.19 -12.78 -2.19
C PRO B 183 -0.80 -12.88 -1.02
N ARG B 184 -1.06 -11.77 -0.36
CA ARG B 184 -2.08 -11.71 0.69
C ARG B 184 -3.30 -10.89 0.16
N ARG B 185 -4.36 -10.69 0.97
CA ARG B 185 -5.53 -9.95 0.49
C ARG B 185 -5.20 -8.52 0.07
N ALA B 186 -4.21 -7.87 0.75
CA ALA B 186 -3.77 -6.51 0.41
C ALA B 186 -3.13 -6.45 -0.99
N ASP B 187 -2.61 -7.56 -1.48
CA ASP B 187 -2.01 -7.64 -2.82
C ASP B 187 -3.06 -7.80 -3.93
N LEU B 188 -4.34 -8.06 -3.58
CA LEU B 188 -5.40 -8.22 -4.56
C LEU B 188 -6.11 -6.90 -4.81
N ASP B 189 -6.62 -6.74 -6.04
CA ASP B 189 -7.39 -5.57 -6.44
C ASP B 189 -8.91 -5.82 -6.19
N MET B 190 -9.77 -4.88 -6.60
CA MET B 190 -11.22 -4.98 -6.43
C MET B 190 -11.86 -6.16 -7.18
N ASN B 191 -11.18 -6.67 -8.22
CA ASN B 191 -11.69 -7.81 -8.99
C ASN B 191 -11.07 -9.17 -8.56
N GLN B 192 -10.35 -9.17 -7.41
CA GLN B 192 -9.71 -10.31 -6.74
C GLN B 192 -8.45 -10.85 -7.46
N HIS B 193 -7.90 -10.09 -8.42
CA HIS B 193 -6.66 -10.47 -9.10
C HIS B 193 -5.48 -9.82 -8.39
N VAL B 194 -4.26 -10.37 -8.56
CA VAL B 194 -3.08 -9.75 -7.95
C VAL B 194 -2.73 -8.46 -8.72
N ASN B 195 -2.62 -7.29 -8.02
CA ASN B 195 -2.31 -6.05 -8.75
C ASN B 195 -0.91 -6.07 -9.35
N ASN B 196 -0.78 -5.51 -10.54
CA ASN B 196 0.49 -5.51 -11.27
C ASN B 196 1.68 -4.91 -10.52
N VAL B 197 1.43 -4.16 -9.44
CA VAL B 197 2.45 -3.53 -8.62
C VAL B 197 3.13 -4.52 -7.68
N THR B 198 2.42 -5.59 -7.27
CA THR B 198 2.97 -6.66 -6.42
C THR B 198 4.11 -7.40 -7.12
N TYR B 199 3.99 -7.56 -8.46
CA TYR B 199 5.02 -8.20 -9.27
C TYR B 199 6.31 -7.38 -9.23
N ILE B 200 6.19 -6.04 -9.28
CA ILE B 200 7.34 -5.13 -9.18
C ILE B 200 8.10 -5.37 -7.87
N GLY B 201 7.36 -5.47 -6.77
CA GLY B 201 7.94 -5.72 -5.45
C GLY B 201 8.55 -7.09 -5.33
N TRP B 202 7.88 -8.10 -5.91
CA TRP B 202 8.36 -9.48 -5.91
C TRP B 202 9.64 -9.60 -6.71
N VAL B 203 9.78 -8.84 -7.82
CA VAL B 203 11.01 -8.84 -8.62
C VAL B 203 12.19 -8.31 -7.76
N LEU B 204 11.96 -7.17 -7.09
CA LEU B 204 12.95 -6.52 -6.24
C LEU B 204 13.34 -7.29 -4.97
N GLU B 205 12.58 -8.34 -4.59
CA GLU B 205 12.89 -9.13 -3.40
C GLU B 205 14.17 -9.96 -3.56
N SER B 206 14.52 -10.33 -4.81
CA SER B 206 15.75 -11.08 -5.04
C SER B 206 17.01 -10.19 -5.14
N ILE B 207 16.86 -8.85 -5.20
CA ILE B 207 17.98 -7.91 -5.21
C ILE B 207 18.56 -7.89 -3.79
N PRO B 208 19.87 -8.09 -3.63
CA PRO B 208 20.47 -8.09 -2.28
C PRO B 208 20.28 -6.77 -1.53
N GLN B 209 20.12 -6.85 -0.20
CA GLN B 209 19.96 -5.65 0.61
C GLN B 209 21.12 -4.64 0.47
N GLU B 210 22.37 -5.09 0.33
CA GLU B 210 23.52 -4.19 0.19
C GLU B 210 23.44 -3.32 -1.06
N ILE B 211 22.86 -3.83 -2.15
CA ILE B 211 22.66 -3.06 -3.37
C ILE B 211 21.60 -1.98 -3.14
N VAL B 212 20.53 -2.33 -2.45
CA VAL B 212 19.44 -1.41 -2.14
C VAL B 212 19.92 -0.29 -1.22
N ASP B 213 20.78 -0.62 -0.25
CA ASP B 213 21.33 0.37 0.69
C ASP B 213 22.35 1.36 0.07
N THR B 214 23.13 0.93 -0.92
CA THR B 214 24.14 1.79 -1.55
C THR B 214 23.74 2.38 -2.90
N HIS B 215 22.67 1.86 -3.52
CA HIS B 215 22.24 2.33 -4.83
C HIS B 215 20.79 2.80 -4.88
N GLU B 216 20.43 3.51 -5.94
CA GLU B 216 19.06 3.94 -6.17
C GLU B 216 18.60 3.36 -7.49
N LEU B 217 17.36 2.92 -7.56
CA LEU B 217 16.79 2.36 -8.76
C LEU B 217 16.52 3.46 -9.75
N GLN B 218 17.21 3.41 -10.90
CA GLN B 218 17.00 4.40 -11.93
C GLN B 218 16.00 3.92 -12.97
N VAL B 219 16.18 2.71 -13.50
CA VAL B 219 15.30 2.18 -14.55
C VAL B 219 14.78 0.80 -14.19
N ILE B 220 13.55 0.47 -14.61
CA ILE B 220 12.94 -0.84 -14.44
C ILE B 220 12.01 -1.17 -15.63
N THR B 221 12.25 -2.31 -16.26
CA THR B 221 11.44 -2.78 -17.39
C THR B 221 10.88 -4.13 -17.01
N LEU B 222 9.58 -4.31 -17.13
CA LEU B 222 8.93 -5.54 -16.72
C LEU B 222 7.93 -6.02 -17.76
N ASP B 223 8.04 -7.29 -18.17
CA ASP B 223 7.17 -7.97 -19.12
C ASP B 223 6.25 -8.92 -18.36
N TYR B 224 4.95 -8.77 -18.54
CA TYR B 224 3.92 -9.57 -17.89
C TYR B 224 3.51 -10.70 -18.83
N ARG B 225 3.82 -11.93 -18.47
CA ARG B 225 3.53 -13.09 -19.31
C ARG B 225 2.28 -13.85 -18.88
N ARG B 226 2.05 -13.95 -17.57
CA ARG B 226 0.94 -14.73 -17.03
C ARG B 226 0.59 -14.21 -15.64
N GLU B 227 -0.67 -14.34 -15.22
N GLU B 227 -0.68 -14.32 -15.22
N GLU B 227 -0.67 -14.34 -15.22
CA GLU B 227 -1.08 -13.88 -13.91
CA GLU B 227 -1.09 -13.86 -13.91
CA GLU B 227 -1.08 -13.88 -13.91
C GLU B 227 -0.83 -14.92 -12.82
C GLU B 227 -0.84 -14.91 -12.82
C GLU B 227 -0.83 -14.92 -12.82
N CYS B 228 -0.56 -14.46 -11.60
CA CYS B 228 -0.32 -15.32 -10.45
C CYS B 228 -1.67 -15.41 -9.70
N GLN B 229 -2.19 -16.61 -9.49
CA GLN B 229 -3.46 -16.77 -8.77
C GLN B 229 -3.23 -16.63 -7.27
N GLN B 230 -4.29 -16.29 -6.54
CA GLN B 230 -4.36 -16.17 -5.08
C GLN B 230 -3.62 -17.34 -4.35
N ASP B 231 -3.83 -18.59 -4.82
CA ASP B 231 -3.22 -19.76 -4.20
C ASP B 231 -1.93 -20.27 -4.91
N ASP B 232 -1.23 -19.38 -5.63
CA ASP B 232 0.02 -19.72 -6.29
C ASP B 232 1.19 -19.16 -5.48
N VAL B 233 2.32 -19.86 -5.49
CA VAL B 233 3.53 -19.44 -4.81
C VAL B 233 4.57 -19.07 -5.87
N VAL B 234 5.25 -17.93 -5.68
CA VAL B 234 6.20 -17.38 -6.64
C VAL B 234 7.68 -17.42 -6.16
N ASP B 235 8.60 -17.64 -7.11
CA ASP B 235 10.03 -17.65 -6.88
C ASP B 235 10.64 -16.51 -7.67
N SER B 236 11.44 -15.66 -7.02
CA SER B 236 12.07 -14.51 -7.66
C SER B 236 13.56 -14.76 -7.86
N LEU B 237 14.06 -14.70 -9.10
CA LEU B 237 15.47 -14.96 -9.42
C LEU B 237 16.15 -13.73 -10.05
N THR B 238 17.40 -13.43 -9.64
CA THR B 238 18.16 -12.28 -10.14
C THR B 238 19.62 -12.67 -10.47
N THR B 239 20.19 -12.06 -11.51
CA THR B 239 21.59 -12.26 -11.91
C THR B 239 22.16 -10.91 -12.38
N THR B 240 23.34 -10.52 -11.88
CA THR B 240 23.96 -9.26 -12.29
C THR B 240 24.47 -9.39 -13.71
N THR B 241 24.04 -8.53 -14.63
CA THR B 241 24.51 -8.60 -16.02
C THR B 241 25.48 -7.51 -16.42
N SER B 242 25.84 -6.60 -15.50
CA SER B 242 26.75 -5.51 -15.83
C SER B 242 28.21 -5.97 -15.93
N ASP B 260 27.40 1.92 -12.49
CA ASP B 260 26.02 1.47 -12.58
C ASP B 260 25.90 -0.05 -12.49
N SER B 261 24.80 -0.55 -11.93
CA SER B 261 24.58 -1.99 -11.82
C SER B 261 23.32 -2.43 -12.57
N GLN B 262 23.42 -3.50 -13.36
CA GLN B 262 22.30 -4.05 -14.12
C GLN B 262 21.98 -5.44 -13.64
N PHE B 263 20.70 -5.81 -13.71
CA PHE B 263 20.27 -7.13 -13.29
C PHE B 263 19.22 -7.67 -14.23
N LEU B 264 19.28 -8.98 -14.50
CA LEU B 264 18.27 -9.68 -15.28
C LEU B 264 17.38 -10.37 -14.24
N HIS B 265 16.06 -10.27 -14.39
CA HIS B 265 15.10 -10.82 -13.43
C HIS B 265 14.18 -11.87 -14.02
N LEU B 266 13.66 -12.76 -13.14
CA LEU B 266 12.71 -13.79 -13.55
C LEU B 266 11.79 -14.20 -12.40
N LEU B 267 10.49 -14.12 -12.62
CA LEU B 267 9.48 -14.57 -11.67
C LEU B 267 8.87 -15.82 -12.24
N ARG B 268 8.81 -16.90 -11.45
CA ARG B 268 8.19 -18.14 -11.91
C ARG B 268 7.45 -18.86 -10.79
N LEU B 269 6.47 -19.70 -11.13
CA LEU B 269 5.71 -20.45 -10.12
C LEU B 269 6.65 -21.43 -9.43
N SER B 270 6.63 -21.44 -8.08
CA SER B 270 7.47 -22.26 -7.22
C SER B 270 7.43 -23.74 -7.51
N GLY B 271 6.32 -24.20 -8.07
CA GLY B 271 6.15 -25.60 -8.41
C GLY B 271 6.73 -25.95 -9.77
N ASP B 272 5.84 -25.99 -10.79
CA ASP B 272 6.17 -26.34 -12.17
C ASP B 272 7.28 -25.47 -12.81
N GLY B 273 7.46 -24.27 -12.30
CA GLY B 273 8.45 -23.36 -12.84
C GLY B 273 7.92 -22.56 -14.02
N GLN B 274 6.58 -22.38 -14.08
CA GLN B 274 5.91 -21.64 -15.14
C GLN B 274 6.31 -20.18 -15.05
N GLU B 275 6.72 -19.58 -16.17
CA GLU B 275 7.12 -18.19 -16.17
C GLU B 275 5.94 -17.24 -16.06
N ILE B 276 6.01 -16.30 -15.11
CA ILE B 276 4.94 -15.32 -14.95
C ILE B 276 5.45 -13.92 -15.35
N ASN B 277 6.68 -13.58 -15.01
CA ASN B 277 7.25 -12.27 -15.34
C ASN B 277 8.74 -12.34 -15.62
N ARG B 278 9.26 -11.43 -16.44
CA ARG B 278 10.68 -11.26 -16.72
C ARG B 278 10.99 -9.75 -16.88
N GLY B 279 12.21 -9.33 -16.56
CA GLY B 279 12.56 -7.93 -16.63
C GLY B 279 14.00 -7.58 -16.32
N THR B 280 14.31 -6.29 -16.33
CA THR B 280 15.64 -5.75 -16.06
C THR B 280 15.56 -4.49 -15.22
N THR B 281 16.61 -4.23 -14.43
CA THR B 281 16.70 -3.02 -13.63
C THR B 281 18.07 -2.38 -13.82
N LEU B 282 18.16 -1.07 -13.56
CA LEU B 282 19.42 -0.36 -13.63
C LEU B 282 19.52 0.49 -12.37
N TRP B 283 20.65 0.39 -11.67
CA TRP B 283 20.83 1.12 -10.41
C TRP B 283 22.06 2.00 -10.48
N ARG B 284 21.98 3.22 -9.89
CA ARG B 284 23.09 4.17 -9.81
C ARG B 284 23.63 4.23 -8.37
N LYS B 285 24.94 4.44 -8.21
CA LYS B 285 25.54 4.60 -6.88
C LYS B 285 25.05 5.91 -6.26
N LYS B 286 24.76 5.92 -4.93
CA LYS B 286 24.29 7.12 -4.25
C LYS B 286 25.37 8.20 -4.16
N1 A1BM2 C . 2.27 10.79 21.17
N3 A1BM2 C . 1.04 12.04 19.81
C4 A1BM2 C . 2.59 15.05 21.52
C5 A1BM2 C . 1.85 12.87 20.57
C6 A1BM2 C . 2.62 12.10 21.39
C7 A1BM2 C . 2.70 9.59 21.70
C8 A1BM2 C . 2.16 8.45 21.25
C10 A1BM2 C . 1.28 10.79 20.18
C1 A1BM2 C . 2.44 14.76 19.05
C2 A1BM2 C . 1.81 14.38 20.39
C3 A1BM2 C . 0.37 14.88 20.42
C9 A1BM2 C . 1.16 8.52 20.27
N2 A1BM2 C . 0.75 9.64 19.71
N1 A1BM2 D . -6.94 2.58 -22.35
N3 A1BM2 D . -6.73 4.61 -21.46
C4 A1BM2 D . -9.81 5.56 -23.47
C5 A1BM2 D . -7.85 4.59 -22.27
C6 A1BM2 D . -8.02 3.33 -22.78
C7 A1BM2 D . -6.61 1.26 -22.52
C8 A1BM2 D . -5.50 0.80 -21.89
C10 A1BM2 D . -6.18 3.40 -21.51
C1 A1BM2 D . -7.95 7.05 -22.72
C2 A1BM2 D . -8.76 5.80 -22.38
C3 A1BM2 D . -9.46 6.02 -21.05
C9 A1BM2 D . -4.73 1.69 -21.12
N2 A1BM2 D . -5.08 2.94 -20.89
#